data_7MWT
#
_entry.id   7MWT
#
_cell.length_a   72.803
_cell.length_b   141.565
_cell.length_c   144.974
_cell.angle_alpha   90.000
_cell.angle_beta   90.000
_cell.angle_gamma   90.000
#
_symmetry.space_group_name_H-M   'I 2 2 2'
#
loop_
_entity.id
_entity.type
_entity.pdbx_description
1 polymer 'Bifunctional protein PutA'
2 non-polymer 'FLAVIN-ADENINE DINUCLEOTIDE'
3 non-polymer 'cyclobutane-1,1-dicarboxylic acid'
4 non-polymer 'TRIETHYLENE GLYCOL'
5 non-polymer 'TETRAETHYLENE GLYCOL'
6 non-polymer 'SULFATE ION'
7 water water
#
_entity_poly.entity_id   1
_entity_poly.type   'polypeptide(L)'
_entity_poly.pdbx_seq_one_letter_code
;LPQSVSRAAITAAYRRPETEAVSMLLEQARLPQPVAEQAHKLAYQLADKLRNQKNASGRAGMVQGLLQEFSLSSQEGVAL
MCLAEALLRIPDKATRDALIRDKISNGNWQSHIGRSPSLFVNAATWGLLFTGKLVSTHNEASLSRSLNRIIGKSGEPLIR
KGVDMAMRLMGEQFVTGETIAEALANARKLEEKGFRYSYDMLGEAALTAADAQAYMVSYQQAIHAIGKASNGRGIYEGPG
ISIKLSALHPRYSRAQYDRVMEELYPRLKSLTLLARQYDIGINIDAEESDRLEISLDLLEKLCFEPELAGWNGIGFVIQA
YQKRCPLVIDYLIDLATRSRRRLMIRLVKGAYWDSEIKRAQMDGLEGYPVYTRKVYTDVSYLACAKKLLAVPNLIYPQFA
THNAHTLAAIYQLAGQNYYPGQYEFQCLHGMGEPLYEQVTGKVADGKLNRPCRIYAPVGTHETLLAYLVRRLLENGANTS
FVNRIADTSLPLDELVADPVTAVEKLAQQEGQTGLPHPKIPLPRDLYGHGRDNSAGLDLANEHRLHHHHHH
;
_entity_poly.pdbx_strand_id   A
#
loop_
_chem_comp.id
_chem_comp.type
_chem_comp.name
_chem_comp.formula
FAD non-polymer 'FLAVIN-ADENINE DINUCLEOTIDE' 'C27 H33 N9 O15 P2'
PG4 non-polymer 'TETRAETHYLENE GLYCOL' 'C8 H18 O5'
PGE non-polymer 'TRIETHYLENE GLYCOL' 'C6 H14 O4'
SO4 non-polymer 'SULFATE ION' 'O4 S -2'
ZPS non-polymer 'cyclobutane-1,1-dicarboxylic acid' 'C6 H8 O4'
#
# COMPACT_ATOMS: atom_id res chain seq x y z
N GLN A 3 21.35 -19.21 18.71
CA GLN A 3 20.32 -19.00 17.70
C GLN A 3 20.72 -19.65 16.37
N SER A 4 19.77 -19.73 15.43
CA SER A 4 20.11 -20.17 14.09
C SER A 4 21.06 -19.17 13.44
N VAL A 5 21.78 -19.64 12.42
CA VAL A 5 22.71 -18.73 11.71
C VAL A 5 21.91 -17.68 10.94
N SER A 6 20.84 -18.10 10.26
CA SER A 6 19.98 -17.13 9.60
C SER A 6 19.35 -16.18 10.61
N ARG A 7 18.95 -16.70 11.78
CA ARG A 7 18.32 -15.86 12.80
C ARG A 7 19.30 -14.86 13.40
N ALA A 8 20.54 -15.30 13.67
CA ALA A 8 21.51 -14.40 14.28
C ALA A 8 21.79 -13.20 13.39
N ALA A 9 21.89 -13.43 12.07
CA ALA A 9 22.17 -12.32 11.15
C ALA A 9 21.05 -11.29 11.16
N ILE A 10 19.81 -11.74 11.39
CA ILE A 10 18.68 -10.82 11.50
C ILE A 10 18.84 -9.93 12.73
N THR A 11 19.19 -10.51 13.87
CA THR A 11 19.38 -9.70 15.07
C THR A 11 20.57 -8.76 14.90
N ALA A 12 21.57 -9.14 14.10
CA ALA A 12 22.73 -8.28 13.89
C ALA A 12 22.42 -7.02 13.11
N ALA A 13 21.38 -7.02 12.29
CA ALA A 13 21.07 -5.90 11.41
C ALA A 13 19.95 -5.03 11.93
N TYR A 14 19.44 -5.31 13.13
CA TYR A 14 18.25 -4.63 13.64
C TYR A 14 18.33 -3.13 13.43
N ARG A 15 19.46 -2.51 13.80
CA ARG A 15 19.63 -1.06 13.71
C ARG A 15 21.03 -0.75 13.18
N ARG A 16 21.34 -1.24 11.98
CA ARG A 16 22.67 -1.01 11.45
C ARG A 16 22.75 0.37 10.76
N PRO A 17 23.92 1.00 10.78
CA PRO A 17 24.05 2.37 10.24
C PRO A 17 23.44 2.49 8.85
N GLU A 18 22.77 3.62 8.62
CA GLU A 18 22.02 3.77 7.37
C GLU A 18 22.93 3.89 6.16
N THR A 19 24.10 4.52 6.30
CA THR A 19 25.05 4.54 5.19
C THR A 19 25.50 3.13 4.85
N GLU A 20 25.76 2.32 5.88
CA GLU A 20 26.13 0.93 5.70
C GLU A 20 25.06 0.17 4.94
N ALA A 21 23.84 0.17 5.47
CA ALA A 21 22.74 -0.59 4.87
C ALA A 21 22.49 -0.19 3.43
N VAL A 22 22.34 1.11 3.17
CA VAL A 22 22.00 1.56 1.82
C VAL A 22 23.10 1.21 0.84
N SER A 23 24.36 1.33 1.26
CA SER A 23 25.47 1.05 0.36
C SER A 23 25.53 -0.42 -0.05
N MET A 24 25.08 -1.32 0.84
CA MET A 24 25.09 -2.73 0.51
C MET A 24 23.97 -3.09 -0.46
N LEU A 25 22.79 -2.48 -0.30
CA LEU A 25 21.66 -2.75 -1.16
C LEU A 25 21.78 -2.13 -2.54
N LEU A 26 22.70 -1.18 -2.74
CA LEU A 26 22.62 -0.33 -3.92
C LEU A 26 22.85 -1.14 -5.20
N GLU A 27 23.88 -1.99 -5.21
CA GLU A 27 24.18 -2.72 -6.43
C GLU A 27 23.23 -3.89 -6.65
N GLN A 28 22.68 -4.48 -5.57
CA GLN A 28 21.64 -5.47 -5.75
C GLN A 28 20.36 -4.88 -6.33
N ALA A 29 20.16 -3.57 -6.20
CA ALA A 29 18.95 -2.94 -6.69
C ALA A 29 19.10 -2.30 -8.06
N ARG A 30 20.32 -2.16 -8.56
CA ARG A 30 20.53 -1.45 -9.82
C ARG A 30 20.06 -2.31 -10.98
N LEU A 31 19.13 -1.80 -11.75
CA LEU A 31 18.69 -2.44 -12.97
C LEU A 31 19.72 -2.23 -14.08
N PRO A 32 20.04 -3.26 -14.88
CA PRO A 32 20.95 -3.05 -16.01
C PRO A 32 20.33 -2.10 -17.01
N GLN A 33 21.16 -1.20 -17.56
CA GLN A 33 20.73 -0.10 -18.43
C GLN A 33 19.62 -0.49 -19.41
N PRO A 34 19.70 -1.64 -20.11
CA PRO A 34 18.57 -2.02 -20.98
C PRO A 34 17.28 -2.21 -20.22
N VAL A 35 17.28 -3.03 -19.17
CA VAL A 35 16.09 -3.20 -18.33
C VAL A 35 15.62 -1.87 -17.75
N ALA A 36 16.57 -1.02 -17.34
CA ALA A 36 16.21 0.22 -16.66
C ALA A 36 15.39 1.13 -17.58
N GLU A 37 15.81 1.27 -18.84
CA GLU A 37 15.07 2.12 -19.77
C GLU A 37 13.68 1.55 -20.04
N GLN A 38 13.57 0.23 -20.22
CA GLN A 38 12.26 -0.37 -20.42
C GLN A 38 11.37 -0.16 -19.20
N ALA A 39 11.95 -0.23 -18.01
CA ALA A 39 11.16 0.10 -16.82
C ALA A 39 10.75 1.55 -16.84
N HIS A 40 11.62 2.43 -17.35
CA HIS A 40 11.25 3.84 -17.43
C HIS A 40 10.06 4.06 -18.35
N LYS A 41 10.12 3.54 -19.58
CA LYS A 41 9.02 3.70 -20.53
C LYS A 41 7.71 3.21 -19.94
N LEU A 42 7.69 1.96 -19.45
CA LEU A 42 6.44 1.39 -18.93
C LEU A 42 5.93 2.17 -17.73
N ALA A 43 6.83 2.61 -16.85
CA ALA A 43 6.41 3.44 -15.72
C ALA A 43 5.84 4.77 -16.19
N TYR A 44 6.48 5.39 -17.19
CA TYR A 44 5.97 6.64 -17.74
C TYR A 44 4.56 6.45 -18.33
N GLN A 45 4.36 5.37 -19.08
CA GLN A 45 3.06 5.11 -19.69
C GLN A 45 1.98 4.93 -18.64
N LEU A 46 2.24 4.06 -17.66
CA LEU A 46 1.27 3.81 -16.59
C LEU A 46 0.90 5.10 -15.88
N ALA A 47 1.90 5.91 -15.54
CA ALA A 47 1.63 7.15 -14.81
C ALA A 47 0.93 8.17 -15.70
N ASP A 48 1.33 8.26 -16.97
CA ASP A 48 0.68 9.19 -17.89
C ASP A 48 -0.80 8.86 -18.05
N LYS A 49 -1.14 7.58 -18.23
CA LYS A 49 -2.56 7.23 -18.34
C LYS A 49 -3.29 7.47 -17.03
N LEU A 50 -2.60 7.32 -15.90
CA LEU A 50 -3.23 7.60 -14.61
C LEU A 50 -3.56 9.08 -14.47
N ARG A 51 -2.71 9.97 -14.97
CA ARG A 51 -2.97 11.39 -14.86
C ARG A 51 -3.95 11.88 -15.92
N ASN A 52 -3.64 11.62 -17.19
CA ASN A 52 -4.48 12.09 -18.27
C ASN A 52 -5.67 11.16 -18.45
N GLN A 53 -6.20 10.65 -17.34
CA GLN A 53 -7.32 9.71 -17.40
C GLN A 53 -8.57 10.41 -17.90
N LYS A 54 -9.09 11.35 -17.12
CA LYS A 54 -10.14 12.24 -17.60
C LYS A 54 -9.57 13.42 -18.40
N ASN A 55 -8.43 13.21 -19.08
CA ASN A 55 -7.70 14.28 -19.76
C ASN A 55 -7.40 15.43 -18.80
N ALA A 56 -7.00 15.08 -17.57
CA ALA A 56 -6.67 16.11 -16.58
C ALA A 56 -5.43 16.90 -16.97
N SER A 57 -4.49 16.26 -17.65
CA SER A 57 -3.27 16.96 -18.04
C SER A 57 -3.55 17.93 -19.18
N GLY A 58 -4.10 17.43 -20.29
CA GLY A 58 -4.34 18.28 -21.45
C GLY A 58 -5.38 19.35 -21.21
N ARG A 59 -6.31 19.12 -20.28
CA ARG A 59 -7.29 20.15 -19.93
C ARG A 59 -6.61 21.34 -19.28
N ALA A 60 -5.65 21.09 -18.39
CA ALA A 60 -4.91 22.19 -17.79
C ALA A 60 -4.10 22.95 -18.85
N GLY A 61 -3.77 22.29 -19.95
CA GLY A 61 -2.98 22.95 -20.99
C GLY A 61 -3.74 24.06 -21.68
N MET A 62 -4.97 23.77 -22.11
CA MET A 62 -5.79 24.80 -22.74
C MET A 62 -6.15 25.92 -21.78
N VAL A 63 -6.18 25.64 -20.47
CA VAL A 63 -6.34 26.70 -19.48
C VAL A 63 -5.14 27.63 -19.51
N GLN A 64 -3.93 27.07 -19.39
CA GLN A 64 -2.72 27.89 -19.36
C GLN A 64 -2.53 28.65 -20.66
N GLY A 65 -2.99 28.09 -21.78
CA GLY A 65 -2.82 28.73 -23.07
C GLY A 65 -3.64 29.99 -23.23
N LEU A 66 -4.97 29.85 -23.06
CA LEU A 66 -5.83 31.02 -23.14
C LEU A 66 -5.59 31.99 -21.99
N LEU A 67 -5.15 31.49 -20.84
CA LEU A 67 -4.76 32.36 -19.75
C LEU A 67 -3.52 33.17 -20.07
N GLN A 68 -2.70 32.70 -21.01
CA GLN A 68 -1.54 33.47 -21.48
C GLN A 68 -1.96 34.54 -22.47
N GLU A 69 -2.62 34.14 -23.56
CA GLU A 69 -3.03 35.09 -24.60
C GLU A 69 -3.86 36.22 -24.02
N PHE A 70 -4.97 35.89 -23.36
CA PHE A 70 -5.79 36.92 -22.73
C PHE A 70 -5.08 37.57 -21.56
N SER A 71 -4.33 36.78 -20.77
CA SER A 71 -3.54 37.28 -19.65
C SER A 71 -4.39 38.03 -18.62
N LEU A 72 -5.16 37.30 -17.82
CA LEU A 72 -5.92 37.89 -16.73
C LEU A 72 -5.82 36.97 -15.52
N SER A 73 -6.55 37.31 -14.46
CA SER A 73 -6.48 36.56 -13.21
C SER A 73 -6.96 35.13 -13.40
N SER A 74 -6.62 34.28 -12.43
CA SER A 74 -7.21 32.94 -12.39
C SER A 74 -8.70 33.02 -12.09
N GLN A 75 -9.09 33.96 -11.21
CA GLN A 75 -10.51 34.22 -11.00
C GLN A 75 -11.14 34.85 -12.24
N GLU A 76 -10.37 35.65 -12.97
CA GLU A 76 -10.88 36.23 -14.21
C GLU A 76 -11.19 35.14 -15.23
N GLY A 77 -10.30 34.15 -15.36
CA GLY A 77 -10.56 33.06 -16.29
C GLY A 77 -11.82 32.28 -15.96
N VAL A 78 -12.07 32.06 -14.66
CA VAL A 78 -13.27 31.33 -14.23
C VAL A 78 -14.52 32.13 -14.55
N ALA A 79 -14.48 33.45 -14.32
CA ALA A 79 -15.62 34.30 -14.66
C ALA A 79 -15.88 34.33 -16.15
N LEU A 80 -14.85 34.07 -16.97
CA LEU A 80 -15.05 34.02 -18.41
C LEU A 80 -15.79 32.74 -18.81
N MET A 81 -15.43 31.61 -18.21
CA MET A 81 -16.14 30.36 -18.51
C MET A 81 -17.61 30.47 -18.14
N CYS A 82 -17.92 31.17 -17.04
CA CYS A 82 -19.32 31.28 -16.62
C CYS A 82 -20.15 32.02 -17.64
N LEU A 83 -19.64 33.14 -18.16
CA LEU A 83 -20.32 33.79 -19.27
C LEU A 83 -20.37 32.88 -20.49
N ALA A 84 -19.30 32.11 -20.72
CA ALA A 84 -19.28 31.22 -21.89
C ALA A 84 -20.32 30.11 -21.75
N GLU A 85 -20.42 29.50 -20.57
CA GLU A 85 -21.41 28.44 -20.37
C GLU A 85 -22.83 28.96 -20.53
N ALA A 86 -23.12 30.13 -19.96
CA ALA A 86 -24.45 30.70 -20.10
C ALA A 86 -24.73 31.16 -21.52
N LEU A 87 -23.69 31.46 -22.30
CA LEU A 87 -23.91 31.81 -23.70
C LEU A 87 -24.12 30.55 -24.53
N LEU A 88 -23.46 29.45 -24.16
CA LEU A 88 -23.71 28.18 -24.81
C LEU A 88 -25.11 27.65 -24.50
N ARG A 89 -25.74 28.13 -23.43
CA ARG A 89 -27.11 27.73 -23.09
C ARG A 89 -28.17 28.49 -23.88
N ILE A 90 -27.78 29.50 -24.64
CA ILE A 90 -28.71 30.14 -25.57
C ILE A 90 -28.91 29.17 -26.73
N PRO A 91 -30.14 28.71 -26.98
CA PRO A 91 -30.33 27.58 -27.90
C PRO A 91 -30.03 27.91 -29.35
N ASP A 92 -30.40 29.10 -29.81
CA ASP A 92 -30.25 29.49 -31.20
C ASP A 92 -28.96 30.27 -31.38
N LYS A 93 -28.15 29.84 -32.36
CA LYS A 93 -26.86 30.48 -32.59
C LYS A 93 -27.02 31.95 -32.98
N ALA A 94 -27.91 32.24 -33.93
CA ALA A 94 -28.06 33.62 -34.39
C ALA A 94 -28.45 34.54 -33.24
N THR A 95 -29.16 34.00 -32.24
CA THR A 95 -29.46 34.78 -31.04
C THR A 95 -28.20 35.01 -30.23
N ARG A 96 -27.44 33.94 -29.99
CA ARG A 96 -26.21 34.05 -29.20
C ARG A 96 -25.25 35.06 -29.82
N ASP A 97 -24.96 34.94 -31.13
CA ASP A 97 -23.94 35.76 -31.75
C ASP A 97 -24.38 37.22 -31.83
N ALA A 98 -25.61 37.47 -32.30
CA ALA A 98 -26.12 38.83 -32.31
C ALA A 98 -26.04 39.44 -30.91
N LEU A 99 -26.29 38.62 -29.88
CA LEU A 99 -26.15 39.10 -28.52
C LEU A 99 -24.71 39.48 -28.19
N ILE A 100 -23.74 38.67 -28.65
CA ILE A 100 -22.33 38.95 -28.36
C ILE A 100 -21.91 40.29 -28.94
N ARG A 101 -22.54 40.71 -30.04
CA ARG A 101 -22.20 41.96 -30.70
C ARG A 101 -23.14 43.11 -30.37
N ASP A 102 -24.32 42.83 -29.78
CA ASP A 102 -25.30 43.88 -29.48
C ASP A 102 -25.14 44.40 -28.06
N LYS A 103 -25.38 43.54 -27.06
CA LYS A 103 -25.32 43.93 -25.67
C LYS A 103 -23.91 43.87 -25.10
N ILE A 104 -23.05 43.02 -25.65
CA ILE A 104 -21.72 42.85 -25.09
C ILE A 104 -20.68 43.14 -26.18
N LEU A 119 -25.90 33.48 -11.86
CA LEU A 119 -25.24 33.30 -13.16
C LEU A 119 -23.90 32.61 -13.02
N PHE A 120 -23.16 32.98 -11.97
CA PHE A 120 -21.83 32.42 -11.75
C PHE A 120 -21.90 31.14 -10.92
N VAL A 121 -22.98 30.37 -11.09
CA VAL A 121 -23.25 29.17 -10.31
C VAL A 121 -22.06 28.22 -10.38
N ASN A 122 -21.82 27.67 -11.57
CA ASN A 122 -20.81 26.63 -11.72
C ASN A 122 -19.38 27.17 -11.72
N ALA A 123 -19.19 28.45 -11.35
CA ALA A 123 -17.83 28.96 -11.14
C ALA A 123 -17.07 28.09 -10.14
N ALA A 124 -17.79 27.50 -9.18
CA ALA A 124 -17.19 26.51 -8.29
C ALA A 124 -16.51 25.39 -9.07
N THR A 125 -17.29 24.71 -9.92
CA THR A 125 -16.74 23.63 -10.72
C THR A 125 -15.68 24.13 -11.70
N TRP A 126 -15.81 25.38 -12.16
CA TRP A 126 -14.81 25.95 -13.07
C TRP A 126 -13.51 26.28 -12.35
N GLY A 127 -13.60 26.70 -11.08
CA GLY A 127 -12.41 27.02 -10.32
C GLY A 127 -11.49 25.82 -10.16
N LEU A 128 -12.06 24.64 -10.00
CA LEU A 128 -11.26 23.43 -9.83
C LEU A 128 -10.43 23.11 -11.07
N LEU A 129 -10.83 23.61 -12.23
CA LEU A 129 -9.99 23.51 -13.42
C LEU A 129 -9.00 24.66 -13.52
N PHE A 130 -8.94 25.52 -12.51
CA PHE A 130 -8.01 26.63 -12.51
C PHE A 130 -7.37 26.80 -11.13
N ALA A 141 -10.63 31.41 6.53
CA ALA A 141 -10.16 32.08 7.74
C ALA A 141 -11.32 32.48 8.65
N SER A 142 -12.44 32.88 8.04
CA SER A 142 -13.63 33.17 8.83
C SER A 142 -14.22 31.90 9.43
N LEU A 143 -13.97 30.75 8.78
CA LEU A 143 -14.35 29.47 9.38
C LEU A 143 -13.62 29.24 10.70
N SER A 144 -12.39 29.75 10.83
CA SER A 144 -11.67 29.65 12.09
C SER A 144 -12.45 30.32 13.22
N ARG A 145 -13.14 31.42 12.92
CA ARG A 145 -14.05 32.01 13.90
C ARG A 145 -15.17 31.03 14.24
N SER A 146 -15.76 30.40 13.22
CA SER A 146 -16.83 29.43 13.45
C SER A 146 -16.33 28.24 14.28
N LEU A 147 -15.05 27.90 14.16
CA LEU A 147 -14.49 26.78 14.90
C LEU A 147 -14.34 27.11 16.39
N ASN A 148 -13.52 28.11 16.72
CA ASN A 148 -13.36 28.53 18.10
C ASN A 148 -14.70 28.77 18.77
N ARG A 149 -15.67 29.30 18.01
CA ARG A 149 -17.01 29.53 18.55
C ARG A 149 -17.69 28.21 18.89
N ILE A 150 -17.69 27.28 17.93
CA ILE A 150 -18.51 26.07 18.06
C ILE A 150 -18.03 25.21 19.21
N ILE A 151 -16.71 25.21 19.48
CA ILE A 151 -16.14 24.30 20.48
C ILE A 151 -16.58 24.70 21.88
N GLY A 152 -16.49 26.00 22.19
CA GLY A 152 -16.74 26.45 23.55
C GLY A 152 -18.09 25.99 24.08
N LYS A 153 -19.15 26.18 23.30
CA LYS A 153 -20.49 25.83 23.74
C LYS A 153 -20.79 24.34 23.64
N SER A 154 -19.91 23.55 23.05
CA SER A 154 -20.21 22.16 22.72
C SER A 154 -19.27 21.18 23.40
N GLY A 155 -17.96 21.36 23.27
CA GLY A 155 -17.01 20.67 24.14
C GLY A 155 -16.52 19.33 23.63
N GLU A 156 -16.02 18.53 24.56
CA GLU A 156 -15.51 17.20 24.21
C GLU A 156 -16.56 16.28 23.57
N PRO A 157 -17.87 16.40 23.83
CA PRO A 157 -18.83 15.68 22.98
C PRO A 157 -18.74 16.06 21.51
N LEU A 158 -18.68 17.36 21.20
CA LEU A 158 -18.54 17.77 19.79
C LEU A 158 -17.25 17.24 19.20
N ILE A 159 -16.14 17.34 19.94
CA ILE A 159 -14.85 16.84 19.46
C ILE A 159 -14.95 15.36 19.12
N ARG A 160 -15.45 14.55 20.06
CA ARG A 160 -15.46 13.10 19.85
C ARG A 160 -16.44 12.69 18.75
N LYS A 161 -17.53 13.44 18.56
CA LYS A 161 -18.47 13.12 17.48
C LYS A 161 -17.88 13.45 16.12
N GLY A 162 -17.30 14.65 15.98
CA GLY A 162 -16.76 15.05 14.69
C GLY A 162 -15.61 14.18 14.22
N VAL A 163 -14.73 13.78 15.14
CA VAL A 163 -13.63 12.89 14.78
C VAL A 163 -14.18 11.58 14.26
N ASP A 164 -15.18 11.03 14.94
CA ASP A 164 -15.85 9.82 14.46
C ASP A 164 -16.49 10.05 13.10
N MET A 165 -17.12 11.21 12.91
CA MET A 165 -17.84 11.48 11.68
C MET A 165 -16.89 11.48 10.48
N ALA A 166 -15.81 12.28 10.57
CA ALA A 166 -14.86 12.33 9.45
C ALA A 166 -14.19 10.98 9.24
N MET A 167 -14.09 10.17 10.30
CA MET A 167 -13.47 8.86 10.20
C MET A 167 -14.29 7.93 9.32
N ARG A 168 -15.61 7.91 9.54
CA ARG A 168 -16.49 7.12 8.68
C ARG A 168 -16.50 7.67 7.27
N LEU A 169 -16.60 8.99 7.13
CA LEU A 169 -16.72 9.58 5.80
C LEU A 169 -15.47 9.33 4.97
N MET A 170 -14.28 9.47 5.56
CA MET A 170 -13.06 9.25 4.81
C MET A 170 -12.75 7.77 4.60
N GLY A 171 -13.31 6.90 5.44
CA GLY A 171 -12.97 5.49 5.43
C GLY A 171 -13.84 4.63 4.56
N GLU A 172 -14.96 5.17 4.06
CA GLU A 172 -15.86 4.38 3.21
C GLU A 172 -15.13 3.84 1.99
N GLN A 173 -14.35 4.68 1.32
CA GLN A 173 -13.64 4.30 0.12
C GLN A 173 -12.66 3.16 0.34
N PHE A 174 -12.27 2.87 1.59
CA PHE A 174 -11.29 1.82 1.81
C PHE A 174 -11.91 0.49 2.22
N VAL A 175 -13.22 0.44 2.46
CA VAL A 175 -13.87 -0.74 3.00
C VAL A 175 -14.65 -1.43 1.89
N THR A 176 -14.54 -2.76 1.83
CA THR A 176 -15.22 -3.56 0.81
C THR A 176 -16.65 -3.88 1.21
N GLY A 177 -16.90 -4.02 2.51
CA GLY A 177 -18.23 -4.35 2.98
C GLY A 177 -18.23 -4.46 4.50
N GLU A 178 -19.42 -4.29 5.07
CA GLU A 178 -19.58 -4.34 6.52
C GLU A 178 -19.53 -5.76 7.07
N THR A 179 -19.70 -6.77 6.21
CA THR A 179 -19.72 -8.15 6.65
C THR A 179 -19.04 -9.00 5.59
N ILE A 180 -18.56 -10.18 6.01
CA ILE A 180 -17.82 -11.03 5.08
C ILE A 180 -18.68 -11.39 3.87
N ALA A 181 -20.00 -11.51 4.06
CA ALA A 181 -20.86 -11.91 2.96
C ALA A 181 -21.12 -10.76 1.99
N GLU A 182 -21.23 -9.53 2.51
CA GLU A 182 -21.43 -8.42 1.61
C GLU A 182 -20.18 -8.17 0.77
N ALA A 183 -19.01 -8.52 1.30
CA ALA A 183 -17.77 -8.28 0.55
C ALA A 183 -17.53 -9.36 -0.49
N LEU A 184 -17.75 -10.62 -0.13
CA LEU A 184 -17.69 -11.70 -1.12
C LEU A 184 -18.54 -11.36 -2.34
N ALA A 185 -19.75 -10.84 -2.10
CA ALA A 185 -20.63 -10.40 -3.18
C ALA A 185 -20.00 -9.28 -4.00
N ASN A 186 -19.37 -8.32 -3.34
CA ASN A 186 -18.77 -7.19 -4.06
C ASN A 186 -17.57 -7.58 -4.91
N ALA A 187 -17.13 -8.84 -4.83
CA ALA A 187 -15.87 -9.23 -5.45
C ALA A 187 -16.02 -9.59 -6.92
N ARG A 188 -17.20 -10.07 -7.33
CA ARG A 188 -17.34 -10.71 -8.64
C ARG A 188 -17.02 -9.75 -9.77
N LYS A 189 -17.44 -8.50 -9.66
CA LYS A 189 -17.21 -7.52 -10.72
C LYS A 189 -15.76 -7.52 -11.19
N LEU A 190 -14.81 -7.47 -10.23
CA LEU A 190 -13.40 -7.46 -10.60
C LEU A 190 -12.80 -8.86 -10.73
N GLU A 191 -13.35 -9.85 -10.02
CA GLU A 191 -12.82 -11.21 -10.15
C GLU A 191 -13.08 -11.74 -11.55
N GLU A 192 -14.16 -11.30 -12.18
CA GLU A 192 -14.42 -11.71 -13.56
C GLU A 192 -13.41 -11.16 -14.53
N LYS A 193 -12.70 -10.09 -14.15
CA LYS A 193 -11.64 -9.54 -14.98
C LYS A 193 -10.27 -10.11 -14.66
N GLY A 194 -10.18 -11.04 -13.72
CA GLY A 194 -8.91 -11.60 -13.35
C GLY A 194 -8.25 -11.08 -12.10
N PHE A 195 -8.93 -10.26 -11.29
CA PHE A 195 -8.38 -9.84 -10.01
C PHE A 195 -8.61 -10.92 -8.96
N ARG A 196 -7.73 -10.98 -7.98
CA ARG A 196 -7.97 -11.81 -6.80
C ARG A 196 -8.20 -10.93 -5.58
N TYR A 197 -8.55 -11.57 -4.48
CA TYR A 197 -8.89 -10.89 -3.25
C TYR A 197 -8.20 -11.54 -2.05
N SER A 198 -7.75 -10.69 -1.12
CA SER A 198 -7.42 -11.11 0.23
C SER A 198 -8.30 -10.31 1.18
N TYR A 199 -9.04 -11.01 2.03
CA TYR A 199 -10.02 -10.36 2.90
C TYR A 199 -9.45 -10.14 4.29
N ASP A 200 -9.69 -8.96 4.83
CA ASP A 200 -9.20 -8.57 6.14
C ASP A 200 -10.39 -8.22 7.01
N MET A 201 -10.62 -9.02 8.06
CA MET A 201 -11.62 -8.67 9.05
C MET A 201 -10.98 -7.64 9.98
N LEU A 202 -11.40 -6.39 9.84
CA LEU A 202 -10.78 -5.28 10.57
C LEU A 202 -10.86 -5.51 12.08
N GLY A 203 -9.87 -4.98 12.78
CA GLY A 203 -9.75 -5.17 14.21
C GLY A 203 -8.35 -5.63 14.55
N GLU A 204 -7.72 -4.96 15.51
CA GLU A 204 -6.31 -5.25 15.79
C GLU A 204 -6.00 -4.82 17.21
N ALA A 205 -4.84 -5.23 17.71
CA ALA A 205 -4.35 -4.79 19.00
C ALA A 205 -5.36 -5.08 20.10
N ALA A 206 -5.82 -6.32 20.17
CA ALA A 206 -6.73 -6.72 21.25
C ALA A 206 -6.17 -6.35 22.59
N LEU A 207 -7.02 -5.74 23.44
CA LEU A 207 -6.62 -5.33 24.79
C LEU A 207 -7.11 -6.27 25.88
N THR A 208 -8.15 -7.07 25.63
CA THR A 208 -8.65 -8.03 26.60
C THR A 208 -8.74 -9.41 25.96
N ALA A 209 -8.74 -10.43 26.82
CA ALA A 209 -8.92 -11.80 26.36
C ALA A 209 -10.22 -11.97 25.59
N ALA A 210 -11.25 -11.22 25.98
CA ALA A 210 -12.50 -11.20 25.23
C ALA A 210 -12.26 -10.69 23.81
N ASP A 211 -11.73 -9.47 23.67
CA ASP A 211 -11.47 -8.90 22.36
C ASP A 211 -10.73 -9.88 21.46
N ALA A 212 -9.70 -10.54 21.99
CA ALA A 212 -8.95 -11.50 21.18
C ALA A 212 -9.81 -12.69 20.78
N GLN A 213 -10.65 -13.16 21.71
CA GLN A 213 -11.56 -14.26 21.42
C GLN A 213 -12.53 -13.89 20.30
N ALA A 214 -13.10 -12.68 20.37
CA ALA A 214 -14.04 -12.27 19.33
C ALA A 214 -13.37 -12.19 17.97
N TYR A 215 -12.18 -11.58 17.91
CA TYR A 215 -11.42 -11.53 16.67
C TYR A 215 -11.09 -12.94 16.17
N MET A 216 -10.86 -13.88 17.09
CA MET A 216 -10.70 -15.27 16.68
C MET A 216 -11.95 -15.78 16.00
N VAL A 217 -13.13 -15.41 16.53
CA VAL A 217 -14.38 -15.88 15.97
C VAL A 217 -14.61 -15.28 14.58
N SER A 218 -14.47 -13.97 14.46
CA SER A 218 -14.79 -13.35 13.18
C SER A 218 -13.84 -13.80 12.06
N TYR A 219 -12.66 -14.33 12.40
CA TYR A 219 -11.73 -14.85 11.39
C TYR A 219 -12.15 -16.25 10.94
N GLN A 220 -12.52 -17.11 11.89
CA GLN A 220 -13.00 -18.45 11.55
C GLN A 220 -14.25 -18.36 10.68
N GLN A 221 -15.21 -17.55 11.10
CA GLN A 221 -16.40 -17.30 10.28
C GLN A 221 -16.01 -16.78 8.90
N ALA A 222 -14.99 -15.94 8.82
CA ALA A 222 -14.60 -15.44 7.50
C ALA A 222 -13.95 -16.54 6.66
N ILE A 223 -13.12 -17.38 7.29
CA ILE A 223 -12.47 -18.45 6.54
C ILE A 223 -13.51 -19.35 5.90
N HIS A 224 -14.53 -19.73 6.69
CA HIS A 224 -15.61 -20.53 6.14
C HIS A 224 -16.26 -19.81 4.96
N ALA A 225 -16.63 -18.56 5.14
CA ALA A 225 -17.31 -17.85 4.06
C ALA A 225 -16.42 -17.79 2.83
N ILE A 226 -15.16 -17.40 3.00
CA ILE A 226 -14.28 -17.24 1.86
C ILE A 226 -13.95 -18.60 1.24
N GLY A 227 -13.98 -19.66 2.03
CA GLY A 227 -13.68 -20.98 1.50
C GLY A 227 -14.83 -21.55 0.68
N LYS A 228 -16.05 -21.53 1.23
CA LYS A 228 -17.22 -21.89 0.44
C LYS A 228 -17.26 -21.07 -0.84
N ALA A 229 -16.93 -19.79 -0.76
CA ALA A 229 -16.88 -18.96 -1.95
C ALA A 229 -15.80 -19.43 -2.93
N SER A 230 -14.65 -19.84 -2.41
CA SER A 230 -13.52 -20.21 -3.28
C SER A 230 -13.83 -21.47 -4.08
N ASN A 231 -14.35 -22.50 -3.39
CA ASN A 231 -14.93 -23.66 -4.05
C ASN A 231 -13.89 -24.42 -4.85
N GLY A 232 -12.71 -24.59 -4.27
CA GLY A 232 -11.66 -25.38 -4.90
C GLY A 232 -10.74 -24.60 -5.81
N ARG A 233 -10.96 -23.29 -5.98
CA ARG A 233 -10.15 -22.51 -6.91
C ARG A 233 -8.67 -22.48 -6.52
N GLY A 234 -8.32 -22.73 -5.25
CA GLY A 234 -6.93 -22.88 -4.87
C GLY A 234 -6.25 -21.59 -4.40
N ILE A 235 -5.07 -21.77 -3.80
CA ILE A 235 -4.39 -20.69 -3.10
C ILE A 235 -3.96 -19.59 -4.05
N TYR A 236 -3.68 -19.93 -5.30
CA TYR A 236 -3.18 -18.92 -6.22
C TYR A 236 -4.30 -18.14 -6.87
N GLU A 237 -5.33 -18.84 -7.29
CA GLU A 237 -6.34 -18.23 -8.14
C GLU A 237 -7.64 -17.93 -7.43
N GLY A 238 -7.86 -18.47 -6.24
CA GLY A 238 -9.05 -18.13 -5.47
C GLY A 238 -8.73 -17.07 -4.42
N PRO A 239 -9.77 -16.59 -3.72
CA PRO A 239 -9.53 -15.62 -2.66
C PRO A 239 -8.71 -16.23 -1.53
N GLY A 240 -8.15 -15.34 -0.70
CA GLY A 240 -7.51 -15.73 0.54
C GLY A 240 -7.87 -14.76 1.64
N ILE A 241 -7.26 -14.95 2.80
CA ILE A 241 -7.53 -14.16 3.98
C ILE A 241 -6.22 -13.67 4.57
N SER A 242 -6.26 -12.47 5.17
CA SER A 242 -5.14 -11.84 5.86
C SER A 242 -5.51 -11.63 7.31
N ILE A 243 -4.60 -11.94 8.23
CA ILE A 243 -4.86 -11.85 9.65
C ILE A 243 -3.75 -11.05 10.32
N LYS A 244 -4.03 -10.59 11.54
CA LYS A 244 -3.05 -9.88 12.34
C LYS A 244 -2.88 -10.61 13.67
N LEU A 245 -1.64 -10.97 13.98
CA LEU A 245 -1.37 -11.62 15.25
C LEU A 245 -1.84 -10.74 16.41
N SER A 246 -1.70 -9.42 16.29
CA SER A 246 -2.07 -8.53 17.39
C SER A 246 -3.57 -8.57 17.72
N ALA A 247 -4.42 -9.04 16.79
CA ALA A 247 -5.82 -9.28 17.12
C ALA A 247 -6.02 -10.58 17.89
N LEU A 248 -5.05 -11.48 17.89
CA LEU A 248 -5.26 -12.83 18.42
C LEU A 248 -4.71 -13.01 19.83
N HIS A 249 -4.03 -12.02 20.38
CA HIS A 249 -3.46 -12.16 21.72
C HIS A 249 -3.58 -10.84 22.47
N PRO A 250 -3.99 -10.88 23.74
CA PRO A 250 -4.23 -9.64 24.48
C PRO A 250 -2.92 -8.90 24.74
N ARG A 251 -2.89 -7.61 24.39
CA ARG A 251 -1.74 -6.78 24.70
C ARG A 251 -0.49 -7.32 24.02
N TYR A 252 -0.64 -7.66 22.74
CA TYR A 252 0.48 -8.20 21.95
C TYR A 252 1.68 -7.26 21.97
N SER A 253 1.44 -5.94 22.17
CA SER A 253 2.49 -4.93 22.23
C SER A 253 3.72 -5.43 22.98
N ARG A 254 3.50 -5.88 24.21
CA ARG A 254 4.57 -6.23 25.14
C ARG A 254 4.46 -7.68 25.60
N ALA A 255 3.75 -8.50 24.83
CA ALA A 255 3.51 -9.89 25.21
C ALA A 255 4.81 -10.67 25.26
N GLN A 256 4.94 -11.51 26.29
CA GLN A 256 6.13 -12.30 26.51
C GLN A 256 6.14 -13.53 25.61
N TYR A 257 7.32 -14.14 25.47
CA TYR A 257 7.48 -15.23 24.51
C TYR A 257 6.68 -16.47 24.93
N ASP A 258 6.82 -16.90 26.18
CA ASP A 258 6.19 -18.13 26.60
C ASP A 258 4.67 -18.03 26.56
N ARG A 259 4.11 -16.87 26.94
CA ARG A 259 2.67 -16.71 26.90
C ARG A 259 2.12 -16.67 25.47
N VAL A 260 2.89 -16.12 24.53
CA VAL A 260 2.40 -16.04 23.16
C VAL A 260 2.30 -17.43 22.55
N MET A 261 3.31 -18.27 22.77
CA MET A 261 3.30 -19.61 22.21
C MET A 261 2.19 -20.47 22.83
N GLU A 262 1.94 -20.28 24.13
CA GLU A 262 0.90 -21.09 24.76
C GLU A 262 -0.49 -20.67 24.35
N GLU A 263 -0.68 -19.38 24.08
CA GLU A 263 -2.02 -18.83 23.86
C GLU A 263 -2.27 -18.41 22.42
N LEU A 264 -1.33 -17.69 21.78
CA LEU A 264 -1.59 -17.24 20.42
C LEU A 264 -1.38 -18.38 19.42
N TYR A 265 -0.24 -19.08 19.52
CA TYR A 265 0.08 -20.13 18.54
C TYR A 265 -1.06 -21.12 18.31
N PRO A 266 -1.70 -21.68 19.33
CA PRO A 266 -2.82 -22.58 19.04
C PRO A 266 -3.91 -21.93 18.22
N ARG A 267 -4.11 -20.61 18.35
CA ARG A 267 -5.09 -19.97 17.50
C ARG A 267 -4.58 -19.83 16.06
N LEU A 268 -3.31 -19.46 15.92
CA LEU A 268 -2.73 -19.35 14.59
C LEU A 268 -2.79 -20.70 13.87
N LYS A 269 -2.39 -21.77 14.57
CA LYS A 269 -2.53 -23.12 14.05
C LYS A 269 -3.95 -23.37 13.56
N SER A 270 -4.93 -23.14 14.45
CA SER A 270 -6.32 -23.52 14.14
C SER A 270 -6.81 -22.85 12.86
N LEU A 271 -6.67 -21.54 12.76
CA LEU A 271 -7.08 -20.83 11.55
C LEU A 271 -6.35 -21.35 10.31
N THR A 272 -5.09 -21.74 10.45
CA THR A 272 -4.34 -22.16 9.29
C THR A 272 -4.76 -23.56 8.83
N LEU A 273 -4.90 -24.49 9.77
CA LEU A 273 -5.57 -25.76 9.48
C LEU A 273 -6.87 -25.53 8.73
N LEU A 274 -7.69 -24.59 9.22
CA LEU A 274 -8.98 -24.35 8.60
C LEU A 274 -8.81 -23.82 7.17
N ALA A 275 -7.88 -22.89 6.96
CA ALA A 275 -7.69 -22.38 5.61
C ALA A 275 -7.18 -23.46 4.67
N ARG A 276 -6.45 -24.44 5.21
CA ARG A 276 -5.98 -25.54 4.38
C ARG A 276 -7.15 -26.38 3.89
N GLN A 277 -8.06 -26.75 4.78
CA GLN A 277 -9.20 -27.58 4.40
C GLN A 277 -9.97 -26.95 3.26
N TYR A 278 -10.09 -25.64 3.26
CA TYR A 278 -10.72 -24.96 2.14
C TYR A 278 -9.74 -24.66 1.01
N ASP A 279 -8.46 -24.98 1.22
CA ASP A 279 -7.39 -24.66 0.28
C ASP A 279 -7.42 -23.18 -0.13
N ILE A 280 -7.42 -22.29 0.86
CA ILE A 280 -7.33 -20.86 0.57
C ILE A 280 -6.08 -20.31 1.24
N GLY A 281 -5.47 -19.31 0.60
CA GLY A 281 -4.27 -18.72 1.16
C GLY A 281 -4.59 -18.00 2.45
N ILE A 282 -3.68 -18.11 3.44
CA ILE A 282 -3.84 -17.42 4.71
C ILE A 282 -2.54 -16.65 5.00
N ASN A 283 -2.64 -15.32 5.05
CA ASN A 283 -1.50 -14.44 5.08
C ASN A 283 -1.38 -13.77 6.45
N ILE A 284 -0.18 -13.76 7.01
CA ILE A 284 0.08 -13.14 8.31
C ILE A 284 0.57 -11.72 8.07
N ASP A 285 -0.29 -10.73 8.33
CA ASP A 285 0.12 -9.34 8.14
C ASP A 285 1.31 -9.01 9.04
N ALA A 286 2.21 -8.14 8.55
CA ALA A 286 3.32 -7.64 9.36
C ALA A 286 2.93 -6.32 10.04
N GLU A 287 3.31 -6.17 11.31
CA GLU A 287 2.89 -4.99 12.07
C GLU A 287 4.11 -4.19 12.55
N GLU A 288 4.14 -3.81 13.83
CA GLU A 288 5.21 -2.97 14.31
C GLU A 288 6.52 -3.76 14.38
N SER A 289 7.64 -3.05 14.26
CA SER A 289 8.91 -3.75 14.04
C SER A 289 9.42 -4.49 15.28
N ASP A 290 8.96 -4.15 16.48
CA ASP A 290 9.45 -4.90 17.63
C ASP A 290 8.72 -6.23 17.80
N ARG A 291 7.87 -6.63 16.85
CA ARG A 291 7.26 -7.94 16.87
C ARG A 291 7.74 -8.80 15.72
N LEU A 292 8.72 -8.34 14.95
CA LEU A 292 9.27 -9.16 13.88
C LEU A 292 9.84 -10.46 14.42
N GLU A 293 10.61 -10.38 15.51
CA GLU A 293 11.17 -11.56 16.15
C GLU A 293 10.09 -12.59 16.47
N ILE A 294 9.07 -12.19 17.23
CA ILE A 294 8.11 -13.17 17.71
C ILE A 294 7.30 -13.77 16.56
N SER A 295 7.03 -12.99 15.50
CA SER A 295 6.23 -13.54 14.41
C SER A 295 7.01 -14.58 13.65
N LEU A 296 8.33 -14.38 13.51
CA LEU A 296 9.18 -15.42 12.93
C LEU A 296 9.10 -16.71 13.73
N ASP A 297 9.12 -16.61 15.06
CA ASP A 297 8.99 -17.79 15.93
C ASP A 297 7.68 -18.52 15.67
N LEU A 298 6.58 -17.78 15.54
CA LEU A 298 5.32 -18.44 15.25
C LEU A 298 5.32 -19.04 13.86
N LEU A 299 5.93 -18.34 12.90
CA LEU A 299 6.00 -18.86 11.54
C LEU A 299 6.81 -20.14 11.51
N GLU A 300 7.94 -20.15 12.21
CA GLU A 300 8.82 -21.32 12.24
C GLU A 300 8.09 -22.55 12.76
N LYS A 301 7.28 -22.41 13.82
CA LYS A 301 6.58 -23.58 14.33
C LYS A 301 5.43 -23.98 13.41
N LEU A 302 4.68 -23.00 12.92
CA LEU A 302 3.57 -23.33 12.04
C LEU A 302 4.03 -24.18 10.86
N CYS A 303 5.18 -23.84 10.27
CA CYS A 303 5.68 -24.47 9.05
C CYS A 303 6.12 -25.92 9.25
N PHE A 304 6.15 -26.43 10.48
CA PHE A 304 6.53 -27.82 10.71
C PHE A 304 5.39 -28.63 11.32
N GLU A 305 4.18 -28.09 11.36
CA GLU A 305 3.05 -28.94 11.72
C GLU A 305 2.90 -30.05 10.69
N PRO A 306 2.78 -31.30 11.11
CA PRO A 306 2.57 -32.37 10.11
C PRO A 306 1.30 -32.17 9.31
N GLU A 307 0.22 -31.70 9.95
CA GLU A 307 -1.04 -31.53 9.24
C GLU A 307 -0.97 -30.52 8.11
N LEU A 308 0.08 -29.70 8.03
CA LEU A 308 0.25 -28.75 6.94
C LEU A 308 1.36 -29.17 5.98
N ALA A 309 1.89 -30.39 6.12
CA ALA A 309 2.93 -30.87 5.22
C ALA A 309 2.41 -30.91 3.79
N GLY A 310 3.31 -30.58 2.85
CA GLY A 310 2.95 -30.51 1.45
C GLY A 310 1.96 -29.42 1.06
N TRP A 311 1.56 -28.54 1.98
CA TRP A 311 0.63 -27.46 1.65
C TRP A 311 1.42 -26.15 1.56
N ASN A 312 1.09 -25.33 0.56
CA ASN A 312 1.85 -24.12 0.25
C ASN A 312 1.06 -22.83 0.46
N GLY A 313 0.01 -22.87 1.31
CA GLY A 313 -0.89 -21.75 1.44
C GLY A 313 -0.53 -20.75 2.51
N ILE A 314 0.60 -20.93 3.18
CA ILE A 314 1.00 -20.04 4.28
C ILE A 314 1.58 -18.77 3.70
N GLY A 315 1.05 -17.63 4.12
CA GLY A 315 1.51 -16.33 3.67
C GLY A 315 2.15 -15.52 4.77
N PHE A 316 3.09 -14.65 4.39
CA PHE A 316 3.87 -13.86 5.33
C PHE A 316 4.32 -12.57 4.67
N VAL A 317 4.02 -11.43 5.29
CA VAL A 317 4.43 -10.12 4.79
C VAL A 317 5.82 -9.79 5.34
N ILE A 318 6.71 -9.30 4.47
CA ILE A 318 7.96 -8.66 4.89
C ILE A 318 7.97 -7.20 4.45
N GLN A 319 8.58 -6.32 5.27
CA GLN A 319 8.54 -4.87 5.11
C GLN A 319 9.89 -4.39 4.59
N ALA A 320 9.91 -3.92 3.35
CA ALA A 320 11.19 -3.44 2.83
C ALA A 320 11.70 -2.16 3.49
N TYR A 321 10.88 -1.43 4.26
CA TYR A 321 11.51 -0.27 4.90
C TYR A 321 12.38 -0.65 6.08
N GLN A 322 12.36 -1.91 6.53
CA GLN A 322 13.24 -2.32 7.62
C GLN A 322 14.64 -2.67 7.11
N LYS A 323 15.65 -2.29 7.89
CA LYS A 323 17.03 -2.57 7.50
C LYS A 323 17.34 -4.06 7.45
N ARG A 324 16.55 -4.89 8.13
CA ARG A 324 16.84 -6.32 8.19
C ARG A 324 16.00 -7.14 7.23
N CYS A 325 15.19 -6.51 6.40
CA CYS A 325 14.41 -7.25 5.40
C CYS A 325 15.26 -8.21 4.58
N PRO A 326 16.41 -7.82 3.99
CA PRO A 326 17.21 -8.82 3.25
C PRO A 326 17.61 -10.00 4.12
N LEU A 327 17.92 -9.76 5.39
CA LEU A 327 18.26 -10.87 6.27
C LEU A 327 17.05 -11.76 6.56
N VAL A 328 15.84 -11.20 6.58
CA VAL A 328 14.66 -12.03 6.79
C VAL A 328 14.46 -12.92 5.59
N ILE A 329 14.72 -12.38 4.40
CA ILE A 329 14.59 -13.17 3.19
C ILE A 329 15.52 -14.39 3.23
N ASP A 330 16.77 -14.21 3.66
CA ASP A 330 17.65 -15.37 3.76
C ASP A 330 17.06 -16.40 4.72
N TYR A 331 16.54 -15.93 5.85
CA TYR A 331 15.89 -16.83 6.79
C TYR A 331 14.71 -17.54 6.15
N LEU A 332 13.82 -16.78 5.50
CA LEU A 332 12.63 -17.39 4.92
C LEU A 332 12.99 -18.38 3.84
N ILE A 333 14.04 -18.10 3.07
CA ILE A 333 14.46 -19.02 2.02
C ILE A 333 14.91 -20.34 2.64
N ASP A 334 15.78 -20.26 3.65
CA ASP A 334 16.18 -21.45 4.40
C ASP A 334 14.98 -22.15 5.04
N LEU A 335 14.05 -21.38 5.62
CA LEU A 335 12.87 -21.99 6.24
C LEU A 335 12.04 -22.75 5.21
N ALA A 336 11.88 -22.18 4.01
CA ALA A 336 11.08 -22.87 3.02
C ALA A 336 11.76 -24.16 2.59
N THR A 337 13.09 -24.17 2.55
CA THR A 337 13.83 -25.38 2.26
C THR A 337 13.67 -26.42 3.37
N ARG A 338 13.93 -26.01 4.62
CA ARG A 338 13.90 -26.99 5.71
C ARG A 338 12.53 -27.63 5.86
N SER A 339 11.46 -26.86 5.74
CA SER A 339 10.11 -27.38 5.95
C SER A 339 9.45 -27.84 4.66
N ARG A 340 10.15 -27.77 3.54
CA ARG A 340 9.72 -28.42 2.30
C ARG A 340 8.36 -27.88 1.82
N ARG A 341 8.32 -26.57 1.63
CA ARG A 341 7.15 -25.88 1.10
CA ARG A 341 7.15 -25.92 1.05
C ARG A 341 7.59 -24.67 0.30
N ARG A 342 6.68 -24.16 -0.51
CA ARG A 342 6.84 -22.87 -1.17
C ARG A 342 6.06 -21.85 -0.37
N LEU A 343 6.71 -20.77 0.05
CA LEU A 343 6.08 -19.74 0.86
C LEU A 343 5.50 -18.61 0.00
N MET A 344 4.31 -18.14 0.38
CA MET A 344 3.69 -16.96 -0.22
C MET A 344 4.16 -15.74 0.55
N ILE A 345 5.01 -14.91 -0.06
CA ILE A 345 5.63 -13.77 0.64
C ILE A 345 5.15 -12.49 -0.01
N ARG A 346 4.32 -11.73 0.70
CA ARG A 346 3.98 -10.36 0.30
C ARG A 346 5.15 -9.46 0.64
N LEU A 347 5.78 -8.89 -0.38
CA LEU A 347 6.79 -7.86 -0.21
C LEU A 347 6.08 -6.52 -0.20
N VAL A 348 6.24 -5.75 0.88
CA VAL A 348 5.68 -4.41 1.00
C VAL A 348 6.78 -3.46 1.43
N LYS A 349 6.47 -2.16 1.34
CA LYS A 349 7.39 -1.19 1.92
C LYS A 349 7.15 -1.06 3.42
N GLY A 350 5.93 -0.68 3.81
CA GLY A 350 5.52 -0.75 5.20
C GLY A 350 4.62 0.42 5.59
N ALA A 351 3.72 0.16 6.56
CA ALA A 351 2.66 1.10 6.88
C ALA A 351 2.86 1.89 8.17
N TYR A 352 3.88 1.58 8.98
CA TYR A 352 3.99 2.13 10.33
C TYR A 352 5.17 3.12 10.46
N TRP A 353 5.60 3.73 9.37
CA TRP A 353 6.87 4.45 9.37
C TRP A 353 6.85 5.63 10.35
N ASP A 354 5.76 6.40 10.39
CA ASP A 354 5.69 7.50 11.33
C ASP A 354 5.88 7.01 12.74
N SER A 355 5.13 5.97 13.10
CA SER A 355 5.19 5.46 14.47
C SER A 355 6.51 4.77 14.75
N GLU A 356 7.14 4.16 13.75
CA GLU A 356 8.45 3.56 14.01
C GLU A 356 9.46 4.63 14.42
N ILE A 357 9.40 5.80 13.79
CA ILE A 357 10.37 6.85 14.06
C ILE A 357 10.13 7.47 15.44
N LYS A 358 8.88 7.82 15.76
CA LYS A 358 8.57 8.37 17.08
C LYS A 358 8.91 7.38 18.18
N ARG A 359 8.69 6.09 17.94
CA ARG A 359 9.12 5.09 18.91
C ARG A 359 10.63 5.14 19.11
N ALA A 360 11.40 5.10 18.02
CA ALA A 360 12.85 5.04 18.16
C ALA A 360 13.42 6.30 18.79
N GLN A 361 12.77 7.45 18.55
CA GLN A 361 13.23 8.70 19.12
C GLN A 361 12.99 8.75 20.63
N MET A 362 11.97 8.04 21.12
CA MET A 362 11.68 8.10 22.54
C MET A 362 12.52 7.10 23.34
N ASP A 363 12.79 5.93 22.77
CA ASP A 363 13.65 4.97 23.44
C ASP A 363 15.11 5.42 23.49
N GLY A 364 15.46 6.54 22.85
CA GLY A 364 16.84 6.96 22.71
C GLY A 364 17.77 5.82 22.29
N LEU A 365 17.23 4.86 21.54
CA LEU A 365 17.94 3.64 21.17
C LEU A 365 19.16 3.92 20.30
N GLU A 366 19.91 2.87 19.96
CA GLU A 366 21.13 3.03 19.14
C GLU A 366 20.82 3.79 17.85
N GLY A 367 19.87 3.30 17.07
CA GLY A 367 19.55 3.91 15.78
C GLY A 367 18.11 3.66 15.41
N TYR A 368 17.83 3.66 14.10
CA TYR A 368 16.48 3.37 13.63
C TYR A 368 16.39 1.98 13.01
N PRO A 369 15.26 1.26 13.19
CA PRO A 369 15.08 -0.01 12.49
C PRO A 369 14.59 0.15 11.06
N VAL A 370 14.12 1.34 10.69
CA VAL A 370 13.64 1.63 9.35
C VAL A 370 14.55 2.65 8.69
N TYR A 371 14.42 2.77 7.37
CA TYR A 371 15.15 3.83 6.69
C TYR A 371 14.50 5.18 7.00
N THR A 372 15.26 6.25 6.78
CA THR A 372 14.78 7.60 7.09
C THR A 372 14.56 8.47 5.87
N ARG A 373 15.00 8.03 4.69
CA ARG A 373 14.66 8.67 3.43
C ARG A 373 13.85 7.70 2.58
N LYS A 374 12.74 8.20 2.03
CA LYS A 374 11.81 7.35 1.30
C LYS A 374 12.50 6.59 0.18
N VAL A 375 13.39 7.27 -0.55
CA VAL A 375 14.10 6.65 -1.66
C VAL A 375 14.92 5.45 -1.19
N TYR A 376 15.36 5.45 0.06
CA TYR A 376 16.09 4.28 0.57
C TYR A 376 15.18 3.07 0.64
N THR A 377 13.93 3.27 1.04
CA THR A 377 13.00 2.17 1.10
C THR A 377 12.76 1.60 -0.29
N ASP A 378 12.63 2.48 -1.30
CA ASP A 378 12.44 2.00 -2.67
C ASP A 378 13.63 1.15 -3.10
N VAL A 379 14.85 1.59 -2.80
CA VAL A 379 16.01 0.79 -3.15
C VAL A 379 15.97 -0.54 -2.40
N SER A 380 15.58 -0.51 -1.13
CA SER A 380 15.43 -1.75 -0.39
C SER A 380 14.44 -2.69 -1.09
N TYR A 381 13.28 -2.16 -1.50
CA TYR A 381 12.25 -2.96 -2.12
C TYR A 381 12.75 -3.57 -3.42
N LEU A 382 13.40 -2.77 -4.27
CA LEU A 382 13.89 -3.31 -5.53
C LEU A 382 14.90 -4.42 -5.29
N ALA A 383 15.78 -4.25 -4.30
CA ALA A 383 16.78 -5.28 -4.01
C ALA A 383 16.14 -6.55 -3.45
N CYS A 384 15.13 -6.40 -2.57
CA CYS A 384 14.48 -7.58 -2.02
C CYS A 384 13.69 -8.31 -3.08
N ALA A 385 13.10 -7.58 -4.01
CA ALA A 385 12.33 -8.19 -5.09
C ALA A 385 13.21 -9.13 -5.91
N LYS A 386 14.41 -8.67 -6.26
CA LYS A 386 15.33 -9.53 -7.00
C LYS A 386 15.66 -10.79 -6.19
N LYS A 387 15.95 -10.65 -4.90
CA LYS A 387 16.18 -11.81 -4.05
C LYS A 387 15.00 -12.79 -4.11
N LEU A 388 13.78 -12.28 -4.15
CA LEU A 388 12.65 -13.20 -4.08
C LEU A 388 12.43 -13.89 -5.42
N LEU A 389 12.62 -13.15 -6.52
CA LEU A 389 12.38 -13.68 -7.84
C LEU A 389 13.40 -14.73 -8.22
N ALA A 390 14.52 -14.79 -7.52
CA ALA A 390 15.56 -15.75 -7.88
C ALA A 390 15.28 -17.15 -7.37
N VAL A 391 14.26 -17.34 -6.55
CA VAL A 391 14.00 -18.66 -5.95
C VAL A 391 12.54 -19.05 -6.13
N PRO A 392 12.07 -19.18 -7.37
CA PRO A 392 10.66 -19.48 -7.59
C PRO A 392 10.24 -20.83 -7.06
N ASN A 393 11.19 -21.73 -6.79
CA ASN A 393 10.87 -23.04 -6.22
C ASN A 393 10.54 -22.96 -4.75
N LEU A 394 10.93 -21.87 -4.07
CA LEU A 394 10.78 -21.73 -2.64
C LEU A 394 9.90 -20.58 -2.22
N ILE A 395 9.66 -19.60 -3.09
CA ILE A 395 8.84 -18.44 -2.73
C ILE A 395 7.92 -18.07 -3.90
N TYR A 396 6.65 -17.81 -3.60
CA TYR A 396 5.73 -17.15 -4.52
C TYR A 396 5.67 -15.65 -4.16
N PRO A 397 6.33 -14.76 -4.89
CA PRO A 397 6.36 -13.35 -4.49
C PRO A 397 5.03 -12.66 -4.78
N GLN A 398 4.60 -11.82 -3.85
CA GLN A 398 3.39 -11.02 -4.02
C GLN A 398 3.76 -9.55 -3.81
N PHE A 399 3.87 -8.80 -4.89
CA PHE A 399 4.48 -7.47 -4.86
C PHE A 399 3.40 -6.43 -4.64
N ALA A 400 3.24 -5.99 -3.40
CA ALA A 400 2.22 -5.02 -3.04
C ALA A 400 2.77 -3.62 -3.27
N THR A 401 2.10 -2.84 -4.13
CA THR A 401 2.56 -1.48 -4.38
C THR A 401 1.53 -0.72 -5.19
N HIS A 402 1.49 0.60 -4.99
CA HIS A 402 0.68 1.51 -5.80
C HIS A 402 1.55 2.42 -6.65
N ASN A 403 2.87 2.21 -6.63
CA ASN A 403 3.83 3.09 -7.27
C ASN A 403 4.08 2.58 -8.69
N ALA A 404 3.82 3.44 -9.68
CA ALA A 404 3.90 2.98 -11.07
C ALA A 404 5.31 2.50 -11.41
N HIS A 405 6.33 3.22 -10.94
CA HIS A 405 7.69 2.81 -11.27
C HIS A 405 8.03 1.49 -10.61
N THR A 406 7.63 1.30 -9.36
CA THR A 406 7.90 0.06 -8.66
C THR A 406 7.32 -1.11 -9.44
N LEU A 407 6.05 -1.00 -9.81
CA LEU A 407 5.39 -2.01 -10.63
C LEU A 407 6.19 -2.26 -11.89
N ALA A 408 6.48 -1.19 -12.63
CA ALA A 408 7.21 -1.33 -13.89
C ALA A 408 8.53 -2.08 -13.67
N ALA A 409 9.23 -1.79 -12.56
CA ALA A 409 10.53 -2.42 -12.34
C ALA A 409 10.39 -3.90 -12.03
N ILE A 410 9.36 -4.27 -11.27
CA ILE A 410 9.20 -5.69 -10.94
C ILE A 410 8.83 -6.47 -12.21
N TYR A 411 7.99 -5.88 -13.05
CA TYR A 411 7.60 -6.50 -14.30
C TYR A 411 8.81 -6.80 -15.17
N GLN A 412 9.75 -5.86 -15.24
CA GLN A 412 10.99 -6.11 -15.97
C GLN A 412 11.89 -7.09 -15.22
N LEU A 413 11.99 -6.96 -13.89
CA LEU A 413 12.91 -7.83 -13.17
C LEU A 413 12.48 -9.28 -13.26
N ALA A 414 11.18 -9.54 -13.32
CA ALA A 414 10.70 -10.92 -13.37
C ALA A 414 11.00 -11.62 -14.70
N GLY A 415 11.57 -10.93 -15.69
CA GLY A 415 12.04 -11.60 -16.88
C GLY A 415 10.97 -12.00 -17.88
N GLN A 416 11.38 -12.31 -19.10
CA GLN A 416 10.40 -12.75 -20.09
C GLN A 416 9.91 -14.16 -19.73
N ASN A 417 8.86 -14.60 -20.42
CA ASN A 417 8.26 -15.91 -20.19
C ASN A 417 7.59 -15.95 -18.81
N TYR A 418 6.71 -14.98 -18.56
CA TYR A 418 5.80 -15.04 -17.44
C TYR A 418 4.92 -16.28 -17.48
N TYR A 419 4.62 -16.82 -16.31
CA TYR A 419 3.65 -17.89 -16.13
C TYR A 419 2.89 -17.57 -14.84
N PRO A 420 1.61 -17.92 -14.75
CA PRO A 420 0.76 -17.37 -13.68
C PRO A 420 1.31 -17.51 -12.27
N GLY A 421 1.80 -18.69 -11.92
CA GLY A 421 2.36 -18.93 -10.62
C GLY A 421 3.76 -18.41 -10.38
N GLN A 422 4.28 -17.56 -11.28
CA GLN A 422 5.60 -16.99 -11.02
C GLN A 422 5.53 -15.94 -9.92
N TYR A 423 4.60 -14.98 -10.03
CA TYR A 423 4.36 -13.98 -9.00
C TYR A 423 2.97 -13.37 -9.21
N GLU A 424 2.58 -12.49 -8.29
CA GLU A 424 1.40 -11.64 -8.48
C GLU A 424 1.68 -10.26 -7.90
N PHE A 425 0.91 -9.27 -8.35
CA PHE A 425 0.91 -7.97 -7.69
C PHE A 425 -0.17 -7.94 -6.62
N GLN A 426 -0.12 -6.91 -5.76
CA GLN A 426 -1.16 -6.68 -4.78
C GLN A 426 -1.37 -5.18 -4.64
N CYS A 427 -2.56 -4.81 -4.18
CA CYS A 427 -2.93 -3.41 -4.02
C CYS A 427 -4.03 -3.36 -2.99
N LEU A 428 -4.20 -2.17 -2.38
CA LEU A 428 -5.25 -1.93 -1.39
C LEU A 428 -6.54 -1.49 -2.05
N HIS A 429 -7.65 -2.02 -1.56
CA HIS A 429 -8.93 -1.53 -1.99
C HIS A 429 -9.01 -0.02 -1.76
N GLY A 430 -9.43 0.70 -2.80
CA GLY A 430 -9.56 2.15 -2.73
C GLY A 430 -8.36 2.92 -3.23
N MET A 431 -7.26 2.25 -3.57
CA MET A 431 -6.04 2.93 -3.99
C MET A 431 -5.46 2.34 -5.25
N GLY A 432 -5.53 1.02 -5.41
CA GLY A 432 -4.84 0.40 -6.51
C GLY A 432 -5.60 0.24 -7.81
N GLU A 433 -6.94 0.19 -7.76
CA GLU A 433 -7.68 -0.25 -8.94
C GLU A 433 -7.37 0.57 -10.18
N PRO A 434 -7.36 1.92 -10.15
CA PRO A 434 -7.02 2.66 -11.39
C PRO A 434 -5.71 2.22 -12.04
N LEU A 435 -4.67 1.99 -11.25
CA LEU A 435 -3.39 1.60 -11.82
C LEU A 435 -3.43 0.16 -12.35
N TYR A 436 -3.98 -0.76 -11.56
CA TYR A 436 -3.97 -2.15 -11.97
C TYR A 436 -4.99 -2.47 -13.05
N GLU A 437 -5.91 -1.56 -13.35
CA GLU A 437 -6.78 -1.79 -14.48
C GLU A 437 -6.06 -1.63 -15.82
N GLN A 438 -4.84 -1.10 -15.82
CA GLN A 438 -3.99 -1.21 -16.99
C GLN A 438 -3.11 -2.45 -16.96
N VAL A 439 -3.18 -3.22 -15.88
CA VAL A 439 -2.23 -4.30 -15.62
C VAL A 439 -2.92 -5.65 -15.69
N THR A 440 -3.96 -5.85 -14.90
CA THR A 440 -4.72 -7.09 -14.97
C THR A 440 -5.70 -7.02 -16.12
N GLY A 441 -5.75 -8.08 -16.93
CA GLY A 441 -6.54 -8.05 -18.14
C GLY A 441 -5.76 -8.60 -19.32
N LYS A 442 -6.44 -8.67 -20.45
CA LYS A 442 -5.86 -9.30 -21.63
C LYS A 442 -4.99 -8.32 -22.39
N VAL A 443 -3.90 -8.85 -22.96
CA VAL A 443 -3.01 -8.03 -23.77
C VAL A 443 -3.78 -7.35 -24.90
N ALA A 444 -4.71 -8.09 -25.50
CA ALA A 444 -5.48 -7.56 -26.62
C ALA A 444 -6.23 -6.29 -26.22
N ASP A 445 -6.74 -6.24 -24.98
CA ASP A 445 -7.40 -5.05 -24.47
C ASP A 445 -6.42 -4.01 -23.93
N GLY A 446 -5.13 -4.20 -24.15
CA GLY A 446 -4.16 -3.18 -23.78
C GLY A 446 -3.61 -3.25 -22.37
N LYS A 447 -3.78 -4.37 -21.68
CA LYS A 447 -3.24 -4.53 -20.35
C LYS A 447 -1.93 -5.33 -20.42
N LEU A 448 -1.38 -5.65 -19.25
CA LEU A 448 -0.13 -6.40 -19.19
C LEU A 448 -0.35 -7.91 -18.93
N ASN A 449 -1.58 -8.33 -18.66
CA ASN A 449 -1.88 -9.72 -18.34
C ASN A 449 -1.06 -10.23 -17.17
N ARG A 450 -1.06 -9.46 -16.08
CA ARG A 450 -0.49 -9.86 -14.80
C ARG A 450 -1.59 -9.78 -13.74
N PRO A 451 -1.71 -10.77 -12.85
CA PRO A 451 -2.81 -10.74 -11.88
C PRO A 451 -2.50 -9.84 -10.69
N CYS A 452 -3.56 -9.27 -10.12
CA CYS A 452 -3.44 -8.38 -8.95
C CYS A 452 -4.42 -8.83 -7.88
N ARG A 453 -3.93 -9.01 -6.66
CA ARG A 453 -4.80 -9.37 -5.54
C ARG A 453 -5.09 -8.13 -4.70
N ILE A 454 -6.38 -7.86 -4.50
CA ILE A 454 -6.83 -6.65 -3.83
C ILE A 454 -7.04 -6.97 -2.36
N TYR A 455 -6.34 -6.24 -1.50
CA TYR A 455 -6.54 -6.37 -0.06
C TYR A 455 -7.85 -5.68 0.32
N ALA A 456 -8.79 -6.44 0.89
CA ALA A 456 -10.19 -6.02 1.02
C ALA A 456 -10.62 -6.01 2.47
N PRO A 457 -10.63 -4.84 3.12
CA PRO A 457 -11.03 -4.77 4.52
C PRO A 457 -12.54 -4.93 4.68
N VAL A 458 -12.92 -5.52 5.81
CA VAL A 458 -14.30 -5.90 6.12
C VAL A 458 -14.61 -5.51 7.56
N GLY A 459 -15.69 -4.75 7.77
CA GLY A 459 -16.12 -4.44 9.13
C GLY A 459 -17.00 -3.21 9.17
N THR A 460 -17.44 -2.89 10.39
CA THR A 460 -18.25 -1.71 10.65
C THR A 460 -17.40 -0.56 11.17
N HIS A 461 -18.06 0.57 11.46
CA HIS A 461 -17.39 1.76 11.93
C HIS A 461 -16.51 1.49 13.15
N GLU A 462 -16.91 0.56 14.01
CA GLU A 462 -16.20 0.29 15.25
C GLU A 462 -14.83 -0.36 15.06
N THR A 463 -14.43 -0.73 13.84
CA THR A 463 -13.14 -1.38 13.63
C THR A 463 -12.28 -0.68 12.58
N LEU A 464 -12.63 0.53 12.17
CA LEU A 464 -11.99 1.17 11.04
C LEU A 464 -10.84 2.11 11.41
N LEU A 465 -10.72 2.51 12.68
CA LEU A 465 -9.92 3.69 13.02
C LEU A 465 -8.46 3.51 12.62
N ALA A 466 -7.81 2.45 13.11
CA ALA A 466 -6.37 2.33 12.91
C ALA A 466 -6.04 2.18 11.43
N TYR A 467 -6.85 1.44 10.69
CA TYR A 467 -6.64 1.31 9.24
C TYR A 467 -6.73 2.67 8.56
N LEU A 468 -7.82 3.41 8.79
CA LEU A 468 -8.00 4.71 8.16
C LEU A 468 -6.79 5.62 8.41
N VAL A 469 -6.39 5.76 9.68
CA VAL A 469 -5.25 6.63 9.99
C VAL A 469 -4.03 6.23 9.18
N ARG A 470 -3.74 4.93 9.08
CA ARG A 470 -2.61 4.49 8.29
C ARG A 470 -2.78 4.87 6.82
N ARG A 471 -4.02 4.84 6.31
CA ARG A 471 -4.28 5.29 4.94
C ARG A 471 -4.15 6.81 4.81
N LEU A 472 -4.58 7.56 5.83
CA LEU A 472 -4.39 9.02 5.77
C LEU A 472 -2.91 9.38 5.76
N LEU A 473 -2.12 8.72 6.61
CA LEU A 473 -0.68 8.93 6.59
C LEU A 473 -0.08 8.57 5.24
N GLU A 474 -0.62 7.54 4.58
CA GLU A 474 -0.09 7.10 3.31
C GLU A 474 -0.43 8.08 2.19
N ASN A 475 -1.70 8.47 2.09
CA ASN A 475 -2.12 9.36 1.01
C ASN A 475 -1.60 10.78 1.18
N GLY A 476 -1.40 11.21 2.42
CA GLY A 476 -1.09 12.61 2.65
C GLY A 476 0.38 12.98 2.64
N ALA A 477 1.27 12.01 2.63
CA ALA A 477 2.70 12.28 2.72
C ALA A 477 3.24 12.83 1.41
N ASN A 478 4.04 13.90 1.48
CA ASN A 478 4.64 14.44 0.25
C ASN A 478 5.53 13.42 -0.45
N THR A 479 5.95 12.36 0.25
CA THR A 479 6.83 11.35 -0.32
C THR A 479 6.08 10.28 -1.09
N SER A 480 4.79 10.11 -0.87
CA SER A 480 4.02 9.01 -1.42
C SER A 480 3.76 9.19 -2.91
N PHE A 481 3.90 8.09 -3.65
CA PHE A 481 3.59 8.08 -5.08
C PHE A 481 2.18 8.60 -5.35
N VAL A 482 1.19 8.10 -4.59
CA VAL A 482 -0.19 8.46 -4.86
C VAL A 482 -0.43 9.95 -4.59
N ASN A 483 0.38 10.54 -3.73
CA ASN A 483 0.26 11.97 -3.48
C ASN A 483 0.87 12.76 -4.63
N ARG A 484 2.09 12.40 -5.01
CA ARG A 484 2.77 13.15 -6.05
C ARG A 484 2.14 12.95 -7.42
N ILE A 485 1.45 11.83 -7.66
CA ILE A 485 0.88 11.69 -8.99
C ILE A 485 -0.26 12.68 -9.17
N ALA A 486 -0.95 13.03 -8.07
CA ALA A 486 -2.04 13.99 -8.13
C ALA A 486 -1.56 15.40 -8.42
N ASP A 487 -0.30 15.71 -8.14
CA ASP A 487 0.23 17.07 -8.29
C ASP A 487 0.70 17.26 -9.73
N THR A 488 -0.23 17.68 -10.59
CA THR A 488 0.03 17.80 -12.03
C THR A 488 1.07 18.87 -12.35
N SER A 489 1.62 19.52 -11.33
CA SER A 489 2.78 20.39 -11.53
C SER A 489 4.10 19.65 -11.42
N LEU A 490 4.10 18.40 -10.97
CA LEU A 490 5.31 17.58 -10.91
C LEU A 490 5.43 16.78 -12.19
N PRO A 491 6.51 16.94 -12.97
CA PRO A 491 6.62 16.23 -14.26
C PRO A 491 6.66 14.72 -14.08
N LEU A 492 6.18 14.01 -15.13
CA LEU A 492 6.15 12.55 -15.05
C LEU A 492 7.54 11.96 -14.88
N ASP A 493 8.56 12.59 -15.49
CA ASP A 493 9.91 12.04 -15.41
C ASP A 493 10.45 12.11 -13.98
N GLU A 494 10.03 13.10 -13.19
CA GLU A 494 10.42 13.12 -11.79
C GLU A 494 9.60 12.14 -10.97
N LEU A 495 8.33 11.97 -11.32
CA LEU A 495 7.46 11.10 -10.55
C LEU A 495 7.86 9.64 -10.71
N VAL A 496 8.35 9.23 -11.88
CA VAL A 496 8.77 7.85 -12.09
C VAL A 496 10.30 7.74 -12.10
N ALA A 497 11.00 8.69 -11.49
CA ALA A 497 12.46 8.65 -11.52
C ALA A 497 12.98 7.43 -10.77
N ASP A 498 14.19 7.02 -11.15
CA ASP A 498 14.81 5.76 -10.71
C ASP A 498 15.44 5.93 -9.33
N PRO A 499 15.06 5.11 -8.33
CA PRO A 499 15.59 5.33 -6.97
C PRO A 499 17.07 5.10 -6.83
N VAL A 500 17.65 4.10 -7.49
CA VAL A 500 19.10 3.93 -7.43
C VAL A 500 19.79 5.21 -7.90
N THR A 501 19.31 5.78 -9.01
CA THR A 501 19.89 7.02 -9.52
C THR A 501 19.67 8.16 -8.52
N ALA A 502 18.46 8.26 -7.96
CA ALA A 502 18.22 9.23 -6.90
C ALA A 502 19.25 9.10 -5.79
N VAL A 503 19.46 7.88 -5.30
CA VAL A 503 20.40 7.67 -4.19
C VAL A 503 21.81 8.09 -4.58
N GLU A 504 22.21 7.78 -5.81
CA GLU A 504 23.53 8.17 -6.26
C GLU A 504 23.64 9.65 -6.51
N LYS A 505 22.53 10.32 -6.88
CA LYS A 505 22.56 11.78 -7.01
C LYS A 505 22.77 12.45 -5.67
N LEU A 506 22.18 11.90 -4.61
CA LEU A 506 22.40 12.43 -3.26
C LEU A 506 23.82 12.19 -2.80
N ALA A 507 24.31 10.96 -2.97
CA ALA A 507 25.68 10.63 -2.59
C ALA A 507 26.70 11.59 -3.19
N GLN A 508 26.43 12.07 -4.41
CA GLN A 508 27.37 12.96 -5.07
C GLN A 508 27.22 14.39 -4.61
N GLN A 509 26.00 14.82 -4.31
CA GLN A 509 25.82 16.15 -3.76
C GLN A 509 26.21 16.21 -2.29
N GLU A 510 25.98 15.14 -1.55
CA GLU A 510 26.21 15.18 -0.10
C GLU A 510 27.60 14.71 0.30
N GLY A 511 28.23 13.88 -0.52
CA GLY A 511 29.59 13.46 -0.27
C GLY A 511 29.76 12.01 0.11
N GLN A 512 28.67 11.29 0.40
CA GLN A 512 28.76 9.88 0.74
C GLN A 512 27.39 9.22 0.61
N THR A 513 27.41 7.91 0.30
CA THR A 513 26.19 7.19 -0.01
C THR A 513 25.42 6.85 1.26
N GLY A 514 24.12 7.14 1.24
CA GLY A 514 23.23 6.67 2.27
C GLY A 514 23.22 7.41 3.60
N LEU A 515 23.39 8.74 3.62
CA LEU A 515 23.25 9.48 4.87
C LEU A 515 21.79 9.50 5.35
N PRO A 516 21.57 9.52 6.67
CA PRO A 516 20.21 9.71 7.21
C PRO A 516 19.56 10.99 6.73
N HIS A 517 18.24 11.03 6.84
CA HIS A 517 17.49 12.24 6.52
C HIS A 517 17.97 13.38 7.42
N PRO A 518 18.12 14.60 6.88
CA PRO A 518 18.64 15.69 7.73
C PRO A 518 17.71 16.06 8.86
N LYS A 519 16.40 16.18 8.60
CA LYS A 519 15.46 16.53 9.65
C LYS A 519 15.22 15.39 10.63
N ILE A 520 15.92 14.25 10.46
CA ILE A 520 15.77 13.11 11.37
C ILE A 520 17.14 12.70 11.90
N PRO A 521 17.66 13.40 12.93
CA PRO A 521 18.90 12.94 13.57
C PRO A 521 18.79 11.53 14.13
N LEU A 522 19.88 11.03 14.69
CA LEU A 522 19.88 9.74 15.37
C LEU A 522 19.17 9.85 16.72
N PRO A 523 18.55 8.74 17.19
CA PRO A 523 17.64 8.83 18.36
C PRO A 523 18.20 9.54 19.59
N ARG A 524 19.46 9.30 19.94
CA ARG A 524 20.03 9.85 21.17
C ARG A 524 20.34 11.35 21.09
N ASP A 525 20.22 11.96 19.91
CA ASP A 525 20.55 13.38 19.74
C ASP A 525 19.33 14.27 19.97
PA FAD B . 5.48 4.47 -2.32
O1A FAD B . 6.41 4.44 -3.55
O2A FAD B . 4.81 5.73 -2.07
O5B FAD B . 6.07 4.19 -1.00
C5B FAD B . 5.62 4.81 0.21
C4B FAD B . 6.29 4.13 1.41
O4B FAD B . 7.62 4.49 1.61
C3B FAD B . 5.61 4.45 2.72
O3B FAD B . 4.43 3.77 2.92
C2B FAD B . 6.64 4.01 3.69
O2B FAD B . 6.72 2.64 3.75
C1B FAD B . 7.89 4.45 3.01
N9A FAD B . 8.42 5.72 3.47
C8A FAD B . 7.75 6.94 3.51
N7A FAD B . 8.59 7.88 3.99
C5A FAD B . 9.82 7.33 4.27
C6A FAD B . 11.02 7.82 4.76
N6A FAD B . 11.19 9.22 5.10
N1A FAD B . 12.07 6.99 4.93
C2A FAD B . 11.97 5.67 4.61
N3A FAD B . 10.81 5.16 4.13
C4A FAD B . 9.73 5.93 3.95
N1 FAD B . 2.71 -2.60 5.24
C2 FAD B . 2.97 -3.18 6.51
O2 FAD B . 3.81 -2.53 7.35
N3 FAD B . 2.39 -4.39 6.89
C4 FAD B . 1.54 -5.06 6.03
O4 FAD B . 0.98 -6.25 6.39
C4X FAD B . 1.20 -4.48 4.68
N5 FAD B . 0.34 -5.11 3.79
C5X FAD B . 0.07 -4.49 2.56
C6 FAD B . -0.78 -5.09 1.64
C7 FAD B . -1.03 -4.47 0.41
C7M FAD B . -1.99 -5.11 -0.57
C8 FAD B . -0.43 -3.26 0.09
C8M FAD B . -0.68 -2.57 -1.21
C9 FAD B . 0.43 -2.65 1.00
C9A FAD B . 0.67 -3.26 2.23
N10 FAD B . 1.56 -2.62 3.13
C10 FAD B . 1.84 -3.22 4.36
C1' FAD B . 2.23 -1.37 2.76
C2' FAD B . 1.61 -0.08 3.25
O2' FAD B . 0.30 -0.26 3.64
C3' FAD B . 1.68 0.90 2.07
O3' FAD B . 0.60 0.59 1.26
C4' FAD B . 2.96 0.86 1.25
O4' FAD B . 4.05 1.00 2.07
C5' FAD B . 3.02 1.90 0.13
O5' FAD B . 4.04 1.63 -0.82
P FAD B . 3.83 2.13 -2.33
O1P FAD B . 2.44 1.80 -3.01
O2P FAD B . 5.16 1.53 -2.92
O3P FAD B . 4.19 3.73 -2.24
C01 ZPS C . -2.83 -3.97 4.73
C02 ZPS C . -2.81 -4.42 6.20
C03 ZPS C . -2.19 -3.06 6.60
C04 ZPS C . -2.08 -2.68 5.13
C05 ZPS C . -0.84 -3.17 7.29
C08 ZPS C . -3.11 -2.12 7.33
O06 ZPS C . -0.76 -3.79 8.39
O07 ZPS C . 0.16 -2.62 6.76
O09 ZPS C . -3.90 -2.57 8.21
O10 ZPS C . -3.05 -0.90 7.05
C1 PGE D . 14.32 -13.36 -14.35
O1 PGE D . 15.70 -13.23 -14.53
C2 PGE D . 14.03 -14.06 -13.01
O2 PGE D . 14.63 -15.32 -12.99
C3 PGE D . 13.70 -16.36 -12.79
C4 PGE D . 14.28 -17.42 -11.85
O4 PGE D . 17.87 -19.99 -13.25
C6 PGE D . 16.78 -19.25 -13.74
C5 PGE D . 15.70 -19.15 -12.66
O3 PGE D . 15.53 -17.80 -12.34
O1 PG4 E . -7.12 10.41 -0.03
C1 PG4 E . -7.56 9.80 1.16
C2 PG4 E . -8.83 10.48 1.65
O2 PG4 E . -8.54 11.40 2.66
C3 PG4 E . -8.25 12.69 2.21
C4 PG4 E . -9.08 13.72 2.96
O3 PG4 E . -10.17 14.11 2.17
C5 PG4 E . -10.73 15.34 2.51
C6 PG4 E . -12.21 15.34 2.17
O4 PG4 E . -12.85 14.31 2.86
C7 PG4 E . -13.92 13.72 2.17
C8 PG4 E . -14.43 12.50 2.94
O5 PG4 E . -14.20 11.33 2.22
S SO4 F . 16.08 15.73 1.88
O1 SO4 F . 15.75 16.51 3.07
O2 SO4 F . 15.39 16.28 0.72
O3 SO4 F . 15.67 14.33 2.08
O4 SO4 F . 17.53 15.78 1.64
#